data_6OSP
#
_entry.id   6OSP
#
_cell.length_a   44.190
_cell.length_b   98.680
_cell.length_c   105.120
_cell.angle_alpha   90.000
_cell.angle_beta   93.660
_cell.angle_gamma   90.000
#
_symmetry.space_group_name_H-M   'P 1 21 1'
#
loop_
_entity.id
_entity.type
_entity.pdbx_description
1 polymer 'Phosphatidylinositol 5-phosphate 4-kinase type-2 alpha'
2 non-polymer 4-{[(2E)-4-(dimethylamino)but-2-enoyl]amino}-N-(3-{[6-(1H-indol-3-yl)pyrimidin-4-yl]amino}phenyl)benzamide
3 non-polymer GLYCEROL
4 water water
#
_entity_poly.entity_id   1
_entity_poly.type   'polypeptide(L)'
_entity_poly.pdbx_seq_one_letter_code
;MHHHHHHSSGVDLGTENLYFQSMDPLLSVLMWGVNHSINELSHVQIPVMLMPDDFKAYSKIKVDNHLFNKENMPSHFKFK
EYCPMVFRNLRERFGIDDQDFQNSLTRSAPLPNDSQARSGARFHTSYDKRYIIKTITSEDVAEMHNILKKYHQYIVECHG
ITLLPQFLGMYRLNVDGVEIYVIVTRNVFSHRLSVYRKYDLKGSTVAREASDKEKAKELPTLKDNDFINEGQKIYIDDNN
KKVFLEKLKKDVEFLAQLKLMDYSLLVGIHDVERAEQEEVECEENDGEEEGESDGTHPVGTPPDSPGNTLNSSPPLAPGE
FDPNIDVYGIKCHENSPRKEVYFMAIIDILTHYDAKKKAAHAAKTVKHGAGAEISTVNPEQYSKRFLDFIGHIL
;
_entity_poly.pdbx_strand_id   A,B
#
# COMPACT_ATOMS: atom_id res chain seq x y z
N ASN A 17 -2.34 -13.11 -3.31
CA ASN A 17 -0.98 -13.63 -3.37
C ASN A 17 -0.20 -13.04 -4.57
N LEU A 18 -0.27 -11.72 -4.73
CA LEU A 18 0.42 -11.07 -5.83
C LEU A 18 1.84 -10.73 -5.39
N TYR A 19 2.80 -10.98 -6.25
CA TYR A 19 4.17 -10.63 -5.95
C TYR A 19 4.73 -9.56 -6.88
N PHE A 20 4.00 -9.23 -7.94
CA PHE A 20 4.42 -8.21 -8.91
C PHE A 20 5.68 -8.63 -9.64
N GLN A 21 5.91 -9.94 -9.76
CA GLN A 21 7.06 -10.42 -10.50
C GLN A 21 6.94 -10.18 -12.00
N SER A 22 8.06 -9.83 -12.63
CA SER A 22 8.13 -9.99 -14.07
C SER A 22 9.60 -9.93 -14.47
N MET A 23 9.89 -10.41 -15.67
CA MET A 23 11.23 -10.28 -16.23
C MET A 23 11.61 -8.82 -16.46
N ASP A 24 10.61 -7.96 -16.61
CA ASP A 24 10.81 -6.53 -16.90
C ASP A 24 10.67 -5.76 -15.59
N PRO A 25 11.73 -5.16 -15.06
CA PRO A 25 11.61 -4.46 -13.80
C PRO A 25 10.67 -3.27 -13.88
N LEU A 26 10.59 -2.59 -15.01
CA LEU A 26 9.66 -1.46 -15.14
C LEU A 26 8.21 -1.91 -14.95
N LEU A 27 7.86 -3.10 -15.45
CA LEU A 27 6.52 -3.60 -15.22
C LEU A 27 6.30 -3.90 -13.75
N SER A 28 7.34 -4.37 -13.04
CA SER A 28 7.13 -4.63 -11.61
C SER A 28 6.87 -3.34 -10.87
N VAL A 29 7.70 -2.32 -11.15
CA VAL A 29 7.51 -1.01 -10.55
C VAL A 29 6.14 -0.45 -10.93
N LEU A 30 5.69 -0.67 -12.17
CA LEU A 30 4.35 -0.20 -12.53
C LEU A 30 3.28 -0.93 -11.69
N MET A 31 3.42 -2.26 -11.54
CA MET A 31 2.39 -3.00 -10.81
C MET A 31 2.39 -2.59 -9.36
N TRP A 32 3.57 -2.56 -8.73
CA TRP A 32 3.68 -2.09 -7.35
C TRP A 32 3.14 -0.64 -7.18
N GLY A 33 3.44 0.25 -8.14
CA GLY A 33 2.96 1.64 -8.07
C GLY A 33 1.44 1.79 -8.21
N VAL A 34 0.84 1.06 -9.15
CA VAL A 34 -0.63 1.10 -9.22
C VAL A 34 -1.24 0.51 -7.96
N ASN A 35 -0.71 -0.63 -7.49
CA ASN A 35 -1.17 -1.16 -6.21
C ASN A 35 -1.07 -0.08 -5.12
N HIS A 36 0.08 0.53 -4.98
CA HIS A 36 0.28 1.56 -3.95
C HIS A 36 -0.68 2.77 -4.12
N SER A 37 -0.79 3.33 -5.34
CA SER A 37 -1.68 4.49 -5.57
C SER A 37 -3.12 4.22 -5.17
N ILE A 38 -3.69 3.13 -5.67
CA ILE A 38 -5.08 2.83 -5.38
C ILE A 38 -5.31 2.61 -3.88
N ASN A 39 -4.36 1.92 -3.21
CA ASN A 39 -4.51 1.73 -1.76
C ASN A 39 -4.38 3.05 -0.98
N GLU A 40 -3.41 3.89 -1.35
CA GLU A 40 -3.31 5.25 -0.84
C GLU A 40 -4.64 6.01 -0.98
N LEU A 41 -5.25 5.97 -2.16
CA LEU A 41 -6.47 6.74 -2.39
C LEU A 41 -7.60 6.22 -1.53
N SER A 42 -7.57 4.94 -1.16
CA SER A 42 -8.61 4.46 -0.25
C SER A 42 -8.51 5.11 1.12
N HIS A 43 -7.40 5.78 1.43
CA HIS A 43 -7.26 6.53 2.67
C HIS A 43 -7.39 8.04 2.45
N VAL A 44 -8.04 8.45 1.37
CA VAL A 44 -8.24 9.86 1.02
C VAL A 44 -9.72 10.07 0.69
N GLN A 45 -10.37 10.98 1.41
CA GLN A 45 -11.80 11.26 1.18
C GLN A 45 -12.07 11.62 -0.28
N ILE A 46 -13.19 11.13 -0.82
CA ILE A 46 -13.69 11.54 -2.13
C ILE A 46 -14.28 12.95 -2.00
N PRO A 47 -13.72 13.97 -2.66
CA PRO A 47 -14.27 15.33 -2.50
C PRO A 47 -15.57 15.48 -3.26
N VAL A 48 -16.36 16.45 -2.79
CA VAL A 48 -17.54 16.93 -3.49
C VAL A 48 -17.19 17.26 -4.94
N MET A 49 -16.17 18.09 -5.13
CA MET A 49 -15.75 18.51 -6.47
C MET A 49 -14.23 18.69 -6.47
N LEU A 50 -13.64 18.43 -7.63
CA LEU A 50 -12.23 18.73 -7.84
C LEU A 50 -12.00 20.25 -7.78
N MET A 51 -10.87 20.65 -7.21
CA MET A 51 -10.47 22.04 -7.08
C MET A 51 -9.22 22.29 -7.92
N PRO A 52 -8.93 23.56 -8.29
CA PRO A 52 -7.80 23.83 -9.19
C PRO A 52 -6.46 23.20 -8.76
N ASP A 53 -6.16 23.24 -7.46
CA ASP A 53 -4.92 22.65 -6.96
C ASP A 53 -4.82 21.15 -7.30
N ASP A 54 -5.94 20.43 -7.49
CA ASP A 54 -5.87 19.01 -7.78
C ASP A 54 -5.27 18.72 -9.14
N PHE A 55 -5.29 19.71 -10.05
CA PHE A 55 -4.78 19.60 -11.41
C PHE A 55 -3.30 19.95 -11.53
N LYS A 56 -2.65 20.40 -10.45
CA LYS A 56 -1.19 20.48 -10.44
C LYS A 56 -0.55 19.60 -9.36
N ALA A 57 -1.30 18.64 -8.81
CA ALA A 57 -0.77 17.85 -7.69
C ALA A 57 -0.05 16.62 -8.19
N TYR A 58 0.78 16.04 -7.33
CA TYR A 58 1.33 14.71 -7.59
C TYR A 58 1.66 14.03 -6.28
N SER A 59 1.95 12.73 -6.35
CA SER A 59 2.57 12.03 -5.22
C SER A 59 3.83 11.33 -5.72
N LYS A 60 4.96 11.54 -5.02
CA LYS A 60 6.21 10.86 -5.35
C LYS A 60 6.62 9.89 -4.25
N ILE A 61 7.13 8.74 -4.61
CA ILE A 61 7.60 7.79 -3.61
C ILE A 61 8.90 7.20 -4.10
N LYS A 62 9.89 7.19 -3.22
CA LYS A 62 11.19 6.62 -3.53
C LYS A 62 11.44 5.47 -2.56
N VAL A 63 11.80 4.31 -3.09
CA VAL A 63 11.91 3.07 -2.31
C VAL A 63 13.32 2.53 -2.43
N ASP A 64 13.96 2.27 -1.28
CA ASP A 64 15.31 1.70 -1.22
C ASP A 64 15.32 0.52 -0.26
N ASN A 65 15.29 -0.68 -0.82
CA ASN A 65 15.26 -1.90 -0.03
C ASN A 65 16.64 -2.53 0.04
N HIS A 66 17.00 -2.99 1.23
CA HIS A 66 18.30 -3.64 1.37
C HIS A 66 18.04 -5.06 1.86
N LEU A 67 18.36 -6.03 1.01
CA LEU A 67 18.29 -7.43 1.35
C LEU A 67 16.87 -7.83 1.73
N PHE A 68 15.88 -7.22 1.06
CA PHE A 68 14.47 -7.41 1.37
C PHE A 68 13.65 -7.51 0.08
N ASN A 69 12.88 -8.60 -0.04
CA ASN A 69 12.04 -8.84 -1.22
C ASN A 69 12.86 -8.74 -2.50
N LYS A 70 14.11 -9.21 -2.41
CA LYS A 70 15.12 -9.04 -3.46
C LYS A 70 14.88 -9.93 -4.67
N GLU A 71 13.93 -10.88 -4.64
CA GLU A 71 13.57 -11.69 -5.80
C GLU A 71 12.35 -11.19 -6.57
N ASN A 72 11.38 -10.53 -5.92
CA ASN A 72 10.20 -10.08 -6.65
C ASN A 72 10.38 -8.71 -7.27
N MET A 73 11.12 -7.83 -6.59
CA MET A 73 11.12 -6.41 -6.86
C MET A 73 12.55 -5.90 -6.97
N PRO A 74 12.82 -5.01 -7.91
CA PRO A 74 14.08 -4.27 -7.84
C PRO A 74 14.16 -3.60 -6.47
N SER A 75 15.40 -3.42 -6.01
CA SER A 75 15.64 -2.87 -4.68
C SER A 75 15.54 -1.35 -4.62
N HIS A 76 15.75 -0.65 -5.74
CA HIS A 76 15.77 0.81 -5.80
C HIS A 76 14.88 1.27 -6.94
N PHE A 77 13.88 2.07 -6.62
CA PHE A 77 12.99 2.58 -7.65
C PHE A 77 12.22 3.76 -7.10
N LYS A 78 11.58 4.50 -8.02
CA LYS A 78 10.83 5.71 -7.76
C LYS A 78 9.52 5.59 -8.51
N PHE A 79 8.44 6.07 -7.91
CA PHE A 79 7.16 6.05 -8.57
C PHE A 79 6.41 7.35 -8.31
N LYS A 80 5.97 7.99 -9.36
CA LYS A 80 5.28 9.28 -9.26
C LYS A 80 3.93 9.17 -9.96
N GLU A 81 2.87 9.56 -9.26
CA GLU A 81 1.55 9.63 -9.84
C GLU A 81 1.12 11.08 -10.04
N TYR A 82 0.76 11.45 -11.27
CA TYR A 82 0.26 12.80 -11.54
C TYR A 82 -1.22 12.92 -11.24
N CYS A 83 -1.58 14.06 -10.63
CA CYS A 83 -2.97 14.49 -10.42
C CYS A 83 -3.87 13.35 -9.92
N PRO A 84 -3.54 12.69 -8.80
CA PRO A 84 -4.24 11.43 -8.47
C PRO A 84 -5.73 11.61 -8.17
N MET A 85 -6.16 12.70 -7.51
CA MET A 85 -7.58 13.02 -7.37
C MET A 85 -8.30 13.07 -8.70
N VAL A 86 -7.70 13.69 -9.70
CA VAL A 86 -8.39 13.88 -10.97
C VAL A 86 -8.57 12.53 -11.66
N PHE A 87 -7.50 11.77 -11.78
CA PHE A 87 -7.64 10.45 -12.44
C PHE A 87 -8.56 9.53 -11.65
N ARG A 88 -8.64 9.67 -10.33
CA ARG A 88 -9.66 8.90 -9.62
C ARG A 88 -11.06 9.37 -10.02
N ASN A 89 -11.27 10.68 -10.09
CA ASN A 89 -12.60 11.12 -10.50
C ASN A 89 -12.90 10.67 -11.94
N LEU A 90 -11.91 10.77 -12.84
CA LEU A 90 -12.11 10.33 -14.21
C LEU A 90 -12.55 8.87 -14.28
N ARG A 91 -11.79 7.96 -13.61
CA ARG A 91 -12.17 6.54 -13.60
C ARG A 91 -13.62 6.40 -13.19
N GLU A 92 -14.01 7.13 -12.13
CA GLU A 92 -15.40 7.09 -11.66
C GLU A 92 -16.37 7.54 -12.75
N ARG A 93 -16.04 8.59 -13.48
CA ARG A 93 -17.01 9.04 -14.46
C ARG A 93 -17.02 8.13 -15.65
N PHE A 94 -15.96 7.33 -15.83
CA PHE A 94 -15.96 6.36 -16.92
C PHE A 94 -16.53 5.01 -16.51
N GLY A 95 -17.11 4.90 -15.30
CA GLY A 95 -17.73 3.66 -14.87
C GLY A 95 -16.76 2.60 -14.37
N ILE A 96 -15.59 2.98 -13.89
CA ILE A 96 -14.54 2.03 -13.53
C ILE A 96 -14.33 2.06 -12.02
N ASP A 97 -14.56 0.92 -11.36
CA ASP A 97 -14.24 0.80 -9.94
C ASP A 97 -12.74 0.72 -9.68
N ASP A 98 -12.25 1.48 -8.70
CA ASP A 98 -10.81 1.54 -8.42
C ASP A 98 -10.24 0.15 -8.08
N GLN A 99 -10.94 -0.65 -7.26
CA GLN A 99 -10.43 -1.99 -6.92
C GLN A 99 -10.28 -2.86 -8.15
N ASP A 100 -11.31 -2.86 -9.02
CA ASP A 100 -11.23 -3.58 -10.29
C ASP A 100 -10.06 -3.08 -11.13
N PHE A 101 -9.96 -1.77 -11.29
CA PHE A 101 -8.80 -1.17 -11.95
C PHE A 101 -7.51 -1.71 -11.35
N GLN A 102 -7.43 -1.70 -10.03
CA GLN A 102 -6.26 -2.19 -9.35
C GLN A 102 -5.97 -3.66 -9.71
N ASN A 103 -7.02 -4.48 -9.70
CA ASN A 103 -6.86 -5.90 -10.01
C ASN A 103 -6.39 -6.11 -11.43
N SER A 104 -6.99 -5.39 -12.38
CA SER A 104 -6.63 -5.52 -13.78
C SER A 104 -5.18 -5.24 -14.03
N LEU A 105 -4.58 -4.35 -13.25
CA LEU A 105 -3.22 -3.93 -13.53
C LEU A 105 -2.19 -4.62 -12.65
N THR A 106 -2.60 -5.44 -11.68
CA THR A 106 -1.63 -6.01 -10.76
C THR A 106 -1.75 -7.52 -10.58
N ARG A 107 -2.90 -8.12 -10.90
CA ARG A 107 -3.08 -9.53 -10.63
C ARG A 107 -2.17 -10.36 -11.50
N SER A 108 -1.80 -9.82 -12.65
CA SER A 108 -0.81 -10.45 -13.51
C SER A 108 -0.17 -9.36 -14.38
N ALA A 109 1.06 -9.63 -14.84
CA ALA A 109 1.83 -8.59 -15.53
C ALA A 109 1.12 -8.13 -16.81
N PRO A 110 1.16 -6.84 -17.14
CA PRO A 110 0.70 -6.42 -18.48
C PRO A 110 1.50 -7.17 -19.52
N LEU A 111 0.89 -7.38 -20.69
CA LEU A 111 1.38 -8.10 -21.84
C LEU A 111 1.90 -7.15 -22.91
N PRO A 112 3.13 -7.30 -23.42
CA PRO A 112 3.56 -6.46 -24.55
C PRO A 112 2.79 -6.77 -25.83
N ASN A 113 2.73 -5.80 -26.74
CA ASN A 113 2.12 -6.04 -28.03
C ASN A 113 3.07 -6.73 -29.02
N ASP A 114 4.38 -6.71 -28.78
CA ASP A 114 5.34 -7.47 -29.58
C ASP A 114 5.55 -6.82 -30.96
N ARG A 122 5.80 0.02 -28.71
CA ARG A 122 5.97 0.25 -27.27
C ARG A 122 4.63 0.47 -26.54
N PHE A 123 3.74 -0.53 -26.60
CA PHE A 123 2.53 -0.49 -25.81
C PHE A 123 2.16 -1.86 -25.24
N HIS A 124 1.59 -1.83 -24.05
CA HIS A 124 1.09 -3.00 -23.34
C HIS A 124 -0.41 -2.91 -23.17
N THR A 125 -1.03 -4.08 -22.94
CA THR A 125 -2.37 -4.23 -22.40
C THR A 125 -2.32 -4.91 -21.02
N SER A 126 -3.29 -4.60 -20.18
CA SER A 126 -3.49 -5.33 -18.94
C SER A 126 -3.78 -6.78 -19.27
N TYR A 127 -3.54 -7.67 -18.29
CA TYR A 127 -3.58 -9.09 -18.62
C TYR A 127 -4.98 -9.51 -19.04
N ASP A 128 -5.99 -8.76 -18.60
CA ASP A 128 -7.37 -9.05 -18.97
C ASP A 128 -7.85 -8.22 -20.17
N LYS A 129 -6.96 -7.47 -20.83
CA LYS A 129 -7.24 -6.77 -22.10
C LYS A 129 -8.18 -5.58 -21.95
N ARG A 130 -8.33 -5.08 -20.75
CA ARG A 130 -9.26 -4.00 -20.49
C ARG A 130 -8.66 -2.63 -20.72
N TYR A 131 -7.37 -2.48 -20.43
CA TYR A 131 -6.68 -1.21 -20.42
C TYR A 131 -5.42 -1.30 -21.28
N ILE A 132 -5.00 -0.13 -21.78
CA ILE A 132 -3.83 0.03 -22.61
C ILE A 132 -2.82 0.84 -21.79
N ILE A 133 -1.57 0.45 -21.83
CA ILE A 133 -0.52 1.09 -21.07
C ILE A 133 0.54 1.54 -22.05
N LYS A 134 0.69 2.85 -22.20
CA LYS A 134 1.54 3.35 -23.25
C LYS A 134 2.62 4.23 -22.67
N THR A 135 3.85 4.01 -23.15
CA THR A 135 4.94 4.91 -22.85
C THR A 135 4.78 6.19 -23.65
N ILE A 136 4.83 7.34 -22.98
CA ILE A 136 4.73 8.65 -23.61
C ILE A 136 5.98 9.47 -23.23
N THR A 137 6.13 10.62 -23.86
CA THR A 137 7.29 11.46 -23.63
C THR A 137 6.97 12.51 -22.57
N SER A 138 7.98 13.25 -22.13
CA SER A 138 7.71 14.26 -21.10
C SER A 138 6.94 15.45 -21.68
N GLU A 139 7.12 15.76 -22.97
CA GLU A 139 6.26 16.79 -23.56
C GLU A 139 4.81 16.32 -23.63
N ASP A 140 4.58 15.00 -23.79
CA ASP A 140 3.23 14.46 -23.71
C ASP A 140 2.64 14.68 -22.32
N VAL A 141 3.45 14.49 -21.28
CA VAL A 141 2.98 14.72 -19.93
C VAL A 141 2.63 16.21 -19.74
N ALA A 142 3.47 17.11 -20.26
CA ALA A 142 3.19 18.53 -20.15
C ALA A 142 1.93 18.90 -20.91
N GLU A 143 1.70 18.30 -22.08
CA GLU A 143 0.45 18.63 -22.79
C GLU A 143 -0.78 18.04 -22.10
N MET A 144 -0.64 16.88 -21.46
CA MET A 144 -1.76 16.35 -20.69
C MET A 144 -2.20 17.33 -19.60
N HIS A 145 -1.23 17.91 -18.90
CA HIS A 145 -1.52 18.88 -17.85
C HIS A 145 -2.15 20.15 -18.40
N ASN A 146 -1.79 20.55 -19.62
CA ASN A 146 -2.36 21.76 -20.22
C ASN A 146 -3.82 21.60 -20.61
N ILE A 147 -4.23 20.40 -21.05
CA ILE A 147 -5.61 20.16 -21.46
C ILE A 147 -6.47 19.55 -20.36
N LEU A 148 -5.87 19.21 -19.22
CA LEU A 148 -6.54 18.34 -18.25
C LEU A 148 -7.79 18.97 -17.62
N LYS A 149 -7.73 20.24 -17.21
CA LYS A 149 -8.95 20.85 -16.69
C LYS A 149 -10.03 20.88 -17.77
N LYS A 150 -9.67 21.28 -18.98
CA LYS A 150 -10.66 21.36 -20.06
C LYS A 150 -11.20 19.97 -20.40
N TYR A 151 -10.31 18.98 -20.40
CA TYR A 151 -10.71 17.60 -20.67
C TYR A 151 -11.67 17.13 -19.61
N HIS A 152 -11.31 17.33 -18.34
CA HIS A 152 -12.18 16.89 -17.26
C HIS A 152 -13.57 17.56 -17.36
N GLN A 153 -13.59 18.88 -17.58
CA GLN A 153 -14.89 19.56 -17.67
C GLN A 153 -15.73 18.97 -18.79
N TYR A 154 -15.09 18.66 -19.92
CA TYR A 154 -15.83 18.07 -21.03
C TYR A 154 -16.42 16.72 -20.66
N ILE A 155 -15.64 15.88 -19.95
CA ILE A 155 -16.17 14.58 -19.53
C ILE A 155 -17.34 14.79 -18.58
N VAL A 156 -17.24 15.75 -17.66
CA VAL A 156 -18.39 16.06 -16.81
C VAL A 156 -19.61 16.43 -17.66
N GLU A 157 -19.41 17.30 -18.65
CA GLU A 157 -20.59 17.83 -19.32
C GLU A 157 -21.22 16.82 -20.25
N CYS A 158 -20.45 15.85 -20.73
CA CYS A 158 -21.01 14.83 -21.63
C CYS A 158 -21.30 13.55 -20.87
N HIS A 159 -21.25 13.60 -19.53
CA HIS A 159 -21.57 12.45 -18.69
C HIS A 159 -20.74 11.19 -19.03
N GLY A 160 -19.47 11.39 -19.42
CA GLY A 160 -18.62 10.29 -19.76
C GLY A 160 -18.91 9.62 -21.07
N ILE A 161 -19.89 10.08 -21.82
CA ILE A 161 -20.25 9.49 -23.10
C ILE A 161 -19.50 10.25 -24.21
N THR A 162 -18.42 9.67 -24.70
CA THR A 162 -17.55 10.34 -25.65
C THR A 162 -16.75 9.26 -26.40
N LEU A 163 -16.29 9.61 -27.61
CA LEU A 163 -15.36 8.76 -28.33
C LEU A 163 -13.90 9.15 -28.11
N LEU A 164 -13.63 10.16 -27.26
CA LEU A 164 -12.27 10.54 -26.92
C LEU A 164 -11.60 9.39 -26.16
N PRO A 165 -10.25 9.34 -26.15
CA PRO A 165 -9.57 8.40 -25.24
C PRO A 165 -9.98 8.72 -23.82
N GLN A 166 -10.09 7.66 -23.01
CA GLN A 166 -10.40 7.78 -21.59
C GLN A 166 -9.10 7.64 -20.83
N PHE A 167 -8.64 8.75 -20.29
CA PHE A 167 -7.35 8.78 -19.64
C PHE A 167 -7.59 8.40 -18.18
N LEU A 168 -6.96 7.29 -17.75
CA LEU A 168 -7.27 6.67 -16.48
C LEU A 168 -6.19 6.79 -15.40
N GLY A 169 -4.95 7.09 -15.77
CA GLY A 169 -3.92 7.35 -14.79
C GLY A 169 -2.66 7.71 -15.56
N MET A 170 -1.78 8.49 -14.95
CA MET A 170 -0.55 8.87 -15.60
C MET A 170 0.59 8.81 -14.59
N TYR A 171 1.72 8.20 -14.98
CA TYR A 171 2.77 7.88 -14.01
C TYR A 171 4.14 8.13 -14.61
N ARG A 172 5.10 8.35 -13.70
CA ARG A 172 6.52 8.32 -14.01
C ARG A 172 7.20 7.24 -13.16
N LEU A 173 7.99 6.39 -13.81
CA LEU A 173 8.70 5.29 -13.17
C LEU A 173 10.20 5.47 -13.35
N ASN A 174 10.97 5.10 -12.31
CA ASN A 174 12.43 5.11 -12.35
C ASN A 174 12.93 3.81 -11.74
N VAL A 175 13.72 3.06 -12.51
CA VAL A 175 14.41 1.88 -11.98
C VAL A 175 15.67 1.70 -12.78
N ASP A 176 16.72 1.28 -12.09
CA ASP A 176 17.96 0.87 -12.75
C ASP A 176 18.47 1.97 -13.70
N GLY A 177 18.20 3.24 -13.37
CA GLY A 177 18.72 4.33 -14.18
C GLY A 177 17.93 4.64 -15.42
N VAL A 178 16.71 4.10 -15.54
CA VAL A 178 15.86 4.31 -16.69
C VAL A 178 14.59 4.99 -16.19
N GLU A 179 14.16 6.03 -16.89
CA GLU A 179 12.98 6.78 -16.48
C GLU A 179 12.02 6.80 -17.64
N ILE A 180 10.76 6.39 -17.41
CA ILE A 180 9.73 6.46 -18.43
C ILE A 180 8.47 7.07 -17.84
N TYR A 181 7.70 7.72 -18.71
CA TYR A 181 6.36 8.19 -18.40
C TYR A 181 5.35 7.26 -19.04
N VAL A 182 4.29 6.94 -18.33
CA VAL A 182 3.28 6.11 -18.96
C VAL A 182 1.90 6.67 -18.70
N ILE A 183 0.98 6.33 -19.59
CA ILE A 183 -0.41 6.71 -19.44
C ILE A 183 -1.22 5.46 -19.71
N VAL A 184 -2.35 5.37 -19.01
CA VAL A 184 -3.29 4.25 -19.07
C VAL A 184 -4.61 4.74 -19.65
N THR A 185 -5.13 4.01 -20.63
CA THR A 185 -6.42 4.37 -21.21
C THR A 185 -7.27 3.12 -21.36
N ARG A 186 -8.56 3.32 -21.57
CA ARG A 186 -9.44 2.19 -21.83
C ARG A 186 -9.13 1.63 -23.22
N ASN A 187 -9.09 0.31 -23.31
CA ASN A 187 -8.98 -0.35 -24.59
C ASN A 187 -10.18 0.00 -25.48
N VAL A 188 -9.91 0.36 -26.73
CA VAL A 188 -11.02 0.57 -27.65
C VAL A 188 -11.65 -0.73 -28.01
N PHE A 189 -10.87 -1.84 -28.03
CA PHE A 189 -11.37 -3.11 -28.51
C PHE A 189 -11.95 -3.91 -27.36
N SER A 190 -12.64 -4.99 -27.72
CA SER A 190 -13.32 -5.82 -26.72
C SER A 190 -12.28 -6.55 -25.87
N HIS A 191 -12.61 -6.72 -24.61
CA HIS A 191 -11.74 -7.52 -23.77
C HIS A 191 -11.94 -9.01 -24.02
N ARG A 192 -13.00 -9.39 -24.79
CA ARG A 192 -13.34 -10.78 -25.04
C ARG A 192 -13.48 -11.11 -26.53
N LEU A 193 -14.11 -10.23 -27.30
CA LEU A 193 -14.36 -10.51 -28.71
C LEU A 193 -13.11 -10.16 -29.52
N SER A 194 -12.59 -11.11 -30.28
CA SER A 194 -11.32 -10.88 -30.95
C SER A 194 -11.51 -10.01 -32.19
N VAL A 195 -10.47 -9.28 -32.57
CA VAL A 195 -10.48 -8.35 -33.69
C VAL A 195 -9.59 -8.88 -34.80
N TYR A 196 -10.19 -9.18 -35.97
CA TYR A 196 -9.48 -9.72 -37.12
C TYR A 196 -9.08 -8.67 -38.17
N ARG A 197 -9.42 -7.40 -37.96
CA ARG A 197 -9.14 -6.37 -38.96
C ARG A 197 -9.20 -5.04 -38.24
N LYS A 198 -8.11 -4.27 -38.31
CA LYS A 198 -8.09 -2.95 -37.71
C LYS A 198 -7.54 -1.93 -38.71
N TYR A 199 -8.04 -0.70 -38.55
CA TYR A 199 -7.64 0.47 -39.33
C TYR A 199 -7.32 1.64 -38.40
N ASP A 200 -6.36 2.43 -38.84
CA ASP A 200 -6.07 3.74 -38.29
C ASP A 200 -6.50 4.76 -39.37
N LEU A 201 -7.58 5.49 -39.14
CA LEU A 201 -8.14 6.36 -40.18
C LEU A 201 -7.91 7.82 -39.83
N LYS A 202 -7.41 8.59 -40.78
CA LYS A 202 -7.16 10.01 -40.53
C LYS A 202 -7.89 10.96 -41.47
N GLY A 203 -8.09 10.63 -42.75
CA GLY A 203 -8.56 11.60 -43.74
C GLY A 203 -7.47 12.45 -44.36
N SER A 204 -6.20 12.15 -44.09
CA SER A 204 -5.07 12.91 -44.64
C SER A 204 -4.51 12.30 -45.92
N THR A 205 -4.43 10.95 -45.99
CA THR A 205 -3.74 10.15 -47.00
C THR A 205 -2.76 10.88 -47.94
N ARG A 208 -0.87 7.31 -46.88
CA ARG A 208 -1.43 6.44 -45.84
C ARG A 208 -1.85 5.07 -46.34
N GLU A 209 -0.85 4.20 -46.46
CA GLU A 209 -1.00 2.83 -46.86
C GLU A 209 -0.15 2.01 -45.91
N ALA A 210 -0.67 0.88 -45.47
CA ALA A 210 0.18 -0.02 -44.71
C ALA A 210 1.33 -0.50 -45.60
N SER A 211 2.54 -0.60 -45.00
CA SER A 211 3.74 -1.17 -45.60
C SER A 211 3.48 -2.56 -46.14
N ASP A 212 4.38 -3.04 -46.98
CA ASP A 212 4.40 -4.48 -47.23
C ASP A 212 4.87 -5.24 -45.99
N LYS A 213 5.92 -4.74 -45.32
CA LYS A 213 6.28 -5.28 -44.01
C LYS A 213 5.06 -5.32 -43.07
N GLU A 214 4.30 -4.21 -42.99
CA GLU A 214 3.19 -4.13 -42.04
C GLU A 214 2.11 -5.16 -42.34
N LYS A 215 1.83 -5.41 -43.62
CA LYS A 215 0.82 -6.40 -43.96
C LYS A 215 1.34 -7.84 -43.84
N ALA A 216 2.63 -8.02 -43.53
CA ALA A 216 3.17 -9.36 -43.26
C ALA A 216 2.77 -9.89 -41.89
N LYS A 217 2.40 -9.00 -40.96
CA LYS A 217 2.01 -9.42 -39.62
C LYS A 217 0.72 -10.23 -39.67
N GLU A 218 0.38 -10.83 -38.53
CA GLU A 218 -0.89 -11.52 -38.41
C GLU A 218 -2.04 -10.55 -38.16
N LEU A 219 -1.75 -9.42 -37.53
CA LEU A 219 -2.75 -8.44 -37.09
C LEU A 219 -2.33 -7.05 -37.56
N PRO A 220 -2.33 -6.81 -38.87
CA PRO A 220 -1.78 -5.56 -39.39
C PRO A 220 -2.73 -4.38 -39.15
N THR A 221 -2.14 -3.18 -39.09
CA THR A 221 -2.87 -1.93 -38.94
C THR A 221 -3.03 -1.29 -40.32
N LEU A 222 -4.20 -1.48 -40.92
CA LEU A 222 -4.46 -0.89 -42.22
C LEU A 222 -4.72 0.60 -42.07
N LYS A 223 -4.70 1.30 -43.20
CA LYS A 223 -4.90 2.75 -43.14
C LYS A 223 -5.90 3.22 -44.17
N ASP A 224 -6.00 4.55 -44.34
CA ASP A 224 -7.06 5.15 -45.15
C ASP A 224 -7.17 4.48 -46.50
N ASN A 225 -6.05 4.42 -47.22
CA ASN A 225 -6.09 3.91 -48.56
C ASN A 225 -6.40 2.42 -48.59
N ASP A 226 -6.03 1.66 -47.56
CA ASP A 226 -6.42 0.25 -47.53
C ASP A 226 -7.92 0.10 -47.29
N PHE A 227 -8.50 0.95 -46.45
CA PHE A 227 -9.93 0.91 -46.22
C PHE A 227 -10.69 1.05 -47.54
N ILE A 228 -10.31 2.05 -48.35
CA ILE A 228 -10.95 2.24 -49.64
C ILE A 228 -10.63 1.11 -50.59
N ASN A 229 -9.33 0.81 -50.81
CA ASN A 229 -8.94 -0.14 -51.86
C ASN A 229 -9.47 -1.55 -51.60
N GLU A 230 -9.53 -1.99 -50.36
CA GLU A 230 -10.07 -3.31 -50.07
C GLU A 230 -11.59 -3.32 -49.96
N GLY A 231 -12.25 -2.22 -50.29
CA GLY A 231 -13.71 -2.20 -50.32
C GLY A 231 -14.41 -2.32 -48.99
N GLN A 232 -13.75 -1.95 -47.89
CA GLN A 232 -14.32 -2.16 -46.57
C GLN A 232 -15.65 -1.43 -46.40
N LYS A 233 -16.67 -2.17 -45.94
CA LYS A 233 -17.94 -1.59 -45.57
C LYS A 233 -18.16 -1.77 -44.09
N ILE A 234 -18.97 -0.87 -43.52
CA ILE A 234 -19.31 -0.86 -42.11
C ILE A 234 -20.82 -0.83 -42.04
N TYR A 235 -21.42 -1.94 -41.64
CA TYR A 235 -22.85 -2.16 -41.79
C TYR A 235 -23.57 -1.87 -40.49
N ILE A 236 -23.75 -0.60 -40.16
CA ILE A 236 -24.56 -0.25 -39.00
C ILE A 236 -25.79 0.57 -39.40
N ASP A 237 -26.85 0.46 -38.61
CA ASP A 237 -28.11 1.06 -39.03
C ASP A 237 -28.11 2.58 -38.82
N ASP A 238 -29.08 3.23 -39.49
CA ASP A 238 -29.14 4.67 -39.56
C ASP A 238 -29.08 5.33 -38.19
N ASN A 239 -29.80 4.77 -37.23
CA ASN A 239 -29.83 5.35 -35.90
C ASN A 239 -28.45 5.28 -35.22
N ASN A 240 -27.85 4.08 -35.14
CA ASN A 240 -26.54 4.00 -34.52
C ASN A 240 -25.55 4.90 -35.25
N LYS A 241 -25.68 5.00 -36.57
CA LYS A 241 -24.73 5.82 -37.32
C LYS A 241 -24.93 7.31 -37.03
N LYS A 242 -26.19 7.77 -36.97
CA LYS A 242 -26.45 9.16 -36.61
C LYS A 242 -25.94 9.49 -35.19
N VAL A 243 -26.14 8.58 -34.23
CA VAL A 243 -25.67 8.80 -32.85
C VAL A 243 -24.15 8.89 -32.78
N PHE A 244 -23.46 8.04 -33.55
CA PHE A 244 -22.01 7.99 -33.55
C PHE A 244 -21.42 9.23 -34.17
N LEU A 245 -22.01 9.69 -35.29
CA LEU A 245 -21.47 10.83 -36.01
C LEU A 245 -21.66 12.12 -35.23
N GLU A 246 -22.75 12.23 -34.46
CA GLU A 246 -22.96 13.41 -33.65
C GLU A 246 -21.98 13.45 -32.50
N LYS A 247 -21.78 12.32 -31.83
CA LYS A 247 -20.73 12.22 -30.83
C LYS A 247 -19.37 12.59 -31.42
N LEU A 248 -19.06 12.00 -32.58
CA LEU A 248 -17.77 12.25 -33.22
C LEU A 248 -17.56 13.74 -33.47
N LYS A 249 -18.59 14.40 -34.02
CA LYS A 249 -18.49 15.81 -34.39
C LYS A 249 -18.23 16.68 -33.17
N LYS A 250 -18.96 16.44 -32.06
CA LYS A 250 -18.68 17.14 -30.81
C LYS A 250 -17.28 16.86 -30.31
N ASP A 251 -16.85 15.59 -30.30
CA ASP A 251 -15.51 15.31 -29.76
C ASP A 251 -14.42 15.99 -30.60
N VAL A 252 -14.57 15.95 -31.92
CA VAL A 252 -13.54 16.50 -32.78
C VAL A 252 -13.54 18.02 -32.76
N GLU A 253 -14.69 18.63 -32.49
CA GLU A 253 -14.73 20.07 -32.34
C GLU A 253 -14.06 20.49 -31.04
N PHE A 254 -14.26 19.72 -29.96
CA PHE A 254 -13.48 19.92 -28.74
C PHE A 254 -11.98 19.83 -29.02
N LEU A 255 -11.54 18.79 -29.74
CA LEU A 255 -10.10 18.68 -30.09
C LEU A 255 -9.62 19.89 -30.89
N ALA A 256 -10.39 20.34 -31.87
CA ALA A 256 -10.00 21.53 -32.63
C ALA A 256 -9.86 22.75 -31.73
N GLN A 257 -10.73 22.94 -30.73
CA GLN A 257 -10.54 24.11 -29.87
C GLN A 257 -9.29 24.00 -29.01
N LEU A 258 -8.98 22.81 -28.52
CA LEU A 258 -7.69 22.63 -27.86
C LEU A 258 -6.49 22.72 -28.82
N LYS A 259 -6.69 23.01 -30.11
CA LYS A 259 -5.62 23.06 -31.12
C LYS A 259 -4.85 21.73 -31.24
N LEU A 260 -5.49 20.61 -30.92
CA LEU A 260 -4.92 19.28 -31.15
C LEU A 260 -5.21 18.84 -32.57
N MET A 261 -4.31 18.06 -33.12
CA MET A 261 -4.61 17.37 -34.38
C MET A 261 -3.73 16.13 -34.49
N ASP A 262 -3.87 15.45 -35.63
CA ASP A 262 -3.16 14.22 -35.97
C ASP A 262 -3.68 12.99 -35.22
N TYR A 263 -4.88 13.08 -34.64
CA TYR A 263 -5.52 11.94 -34.02
C TYR A 263 -6.13 11.03 -35.10
N SER A 264 -6.45 9.78 -34.72
CA SER A 264 -7.05 8.83 -35.64
C SER A 264 -8.37 8.30 -35.09
N LEU A 265 -9.20 7.83 -36.00
CA LEU A 265 -10.26 6.90 -35.61
C LEU A 265 -9.67 5.49 -35.73
N LEU A 266 -9.67 4.73 -34.63
CA LEU A 266 -9.28 3.33 -34.61
C LEU A 266 -10.54 2.49 -34.86
N VAL A 267 -10.47 1.60 -35.84
CA VAL A 267 -11.63 0.81 -36.23
C VAL A 267 -11.23 -0.66 -36.10
N GLY A 268 -11.87 -1.38 -35.19
CA GLY A 268 -11.70 -2.82 -35.07
C GLY A 268 -12.99 -3.53 -35.45
N ILE A 269 -12.86 -4.59 -36.26
CA ILE A 269 -14.00 -5.42 -36.72
C ILE A 269 -13.83 -6.83 -36.15
N HIS A 270 -14.83 -7.27 -35.38
CA HIS A 270 -14.95 -8.65 -34.95
C HIS A 270 -15.84 -9.40 -35.94
N ASP A 271 -15.31 -10.49 -36.51
CA ASP A 271 -16.04 -11.37 -37.40
C ASP A 271 -16.58 -12.58 -36.61
N VAL A 272 -17.89 -12.61 -36.40
CA VAL A 272 -18.52 -13.61 -35.52
C VAL A 272 -18.24 -15.01 -36.04
N GLU A 273 -18.53 -15.23 -37.32
CA GLU A 273 -18.40 -16.57 -37.90
C GLU A 273 -16.95 -17.02 -37.92
N ARG A 274 -16.00 -16.10 -38.13
CA ARG A 274 -14.59 -16.48 -38.07
C ARG A 274 -14.14 -16.77 -36.65
N ALA A 275 -14.67 -16.05 -35.65
CA ALA A 275 -14.33 -16.35 -34.25
C ALA A 275 -14.78 -17.74 -33.85
N GLU A 276 -15.93 -18.20 -34.37
CA GLU A 276 -16.44 -19.53 -34.05
C GLU A 276 -15.63 -20.64 -34.71
N GLN A 277 -15.45 -20.55 -36.05
CA GLN A 277 -14.64 -21.54 -36.76
C GLN A 277 -13.20 -21.56 -36.27
N GLU A 278 -12.74 -20.49 -35.61
CA GLU A 278 -11.37 -20.34 -35.13
C GLU A 278 -11.24 -20.58 -33.63
N GLU A 279 -12.09 -21.42 -33.06
CA GLU A 279 -11.81 -21.99 -31.74
C GLU A 279 -12.65 -23.24 -31.54
N PRO A 315 -22.75 -15.84 -18.98
CA PRO A 315 -22.12 -16.53 -20.12
C PRO A 315 -22.56 -15.97 -21.49
N LEU A 316 -21.84 -14.98 -22.05
CA LEU A 316 -22.40 -14.25 -23.18
C LEU A 316 -22.33 -15.07 -24.48
N ALA A 317 -23.24 -14.72 -25.42
CA ALA A 317 -23.55 -15.51 -26.61
C ALA A 317 -22.80 -15.04 -27.84
N PRO A 318 -22.92 -15.74 -28.97
CA PRO A 318 -22.12 -15.43 -30.16
C PRO A 318 -22.36 -14.01 -30.66
N GLY A 319 -21.28 -13.25 -30.76
CA GLY A 319 -21.39 -11.89 -31.23
C GLY A 319 -21.85 -10.90 -30.20
N GLU A 320 -22.09 -11.32 -28.97
CA GLU A 320 -22.62 -10.42 -27.96
C GLU A 320 -21.50 -9.93 -27.05
N PHE A 321 -21.68 -8.70 -26.57
CA PHE A 321 -20.70 -8.04 -25.71
C PHE A 321 -21.45 -7.20 -24.68
N ASP A 322 -20.79 -6.96 -23.57
CA ASP A 322 -21.32 -6.13 -22.49
C ASP A 322 -21.02 -4.66 -22.82
N PRO A 323 -22.03 -3.86 -23.19
CA PRO A 323 -21.75 -2.45 -23.53
C PRO A 323 -21.32 -1.62 -22.34
N ASN A 324 -21.37 -2.17 -21.13
CA ASN A 324 -20.84 -1.49 -19.97
C ASN A 324 -19.35 -1.74 -19.76
N ILE A 325 -18.76 -2.72 -20.44
CA ILE A 325 -17.33 -2.97 -20.38
C ILE A 325 -16.67 -2.62 -21.69
N ASP A 326 -17.20 -3.13 -22.80
CA ASP A 326 -16.70 -2.81 -24.14
C ASP A 326 -17.51 -1.61 -24.65
N VAL A 327 -17.20 -0.43 -24.11
CA VAL A 327 -18.10 0.71 -24.32
C VAL A 327 -18.09 1.23 -25.76
N TYR A 328 -17.20 0.78 -26.63
CA TYR A 328 -17.16 1.29 -27.99
C TYR A 328 -17.76 0.35 -29.00
N GLY A 329 -18.43 -0.71 -28.57
CA GLY A 329 -18.94 -1.68 -29.52
C GLY A 329 -20.26 -1.27 -30.14
N ILE A 330 -20.44 -1.60 -31.43
CA ILE A 330 -21.67 -1.36 -32.15
C ILE A 330 -21.97 -2.57 -33.00
N LYS A 331 -23.14 -3.17 -32.84
CA LYS A 331 -23.56 -4.32 -33.61
C LYS A 331 -23.89 -3.93 -35.05
N CYS A 332 -23.66 -4.85 -35.98
CA CYS A 332 -24.12 -4.59 -37.33
C CYS A 332 -25.64 -4.72 -37.41
N HIS A 333 -26.21 -4.14 -38.47
CA HIS A 333 -27.65 -4.13 -38.61
C HIS A 333 -28.14 -5.45 -39.19
N GLU A 334 -29.44 -5.71 -39.00
CA GLU A 334 -29.98 -7.05 -39.18
C GLU A 334 -29.85 -7.57 -40.62
N ASN A 335 -29.44 -6.73 -41.57
CA ASN A 335 -29.39 -7.17 -42.96
C ASN A 335 -27.98 -7.03 -43.53
N SER A 336 -26.98 -7.00 -42.65
CA SER A 336 -25.59 -6.93 -43.09
C SER A 336 -25.17 -8.26 -43.72
N PRO A 337 -24.38 -8.23 -44.80
CA PRO A 337 -23.99 -9.51 -45.44
C PRO A 337 -23.14 -10.38 -44.56
N ARG A 338 -22.62 -9.86 -43.45
CA ARG A 338 -21.79 -10.67 -42.56
C ARG A 338 -22.01 -10.25 -41.14
N LYS A 339 -22.12 -11.20 -40.23
CA LYS A 339 -22.34 -10.90 -38.82
C LYS A 339 -21.04 -10.34 -38.23
N GLU A 340 -21.10 -9.08 -37.78
CA GLU A 340 -19.92 -8.33 -37.39
C GLU A 340 -20.25 -7.45 -36.20
N VAL A 341 -19.22 -7.13 -35.43
CA VAL A 341 -19.31 -6.13 -34.37
C VAL A 341 -18.15 -5.18 -34.60
N TYR A 342 -18.43 -3.89 -34.50
CA TYR A 342 -17.42 -2.86 -34.74
C TYR A 342 -17.02 -2.21 -33.42
N PHE A 343 -15.75 -1.82 -33.30
CA PHE A 343 -15.28 -1.03 -32.16
C PHE A 343 -14.54 0.19 -32.71
N MET A 344 -15.03 1.39 -32.37
CA MET A 344 -14.52 2.61 -33.01
C MET A 344 -14.44 3.70 -31.97
N ALA A 345 -13.30 4.38 -31.91
CA ALA A 345 -13.15 5.55 -31.06
C ALA A 345 -11.94 6.32 -31.53
N ILE A 346 -11.69 7.45 -30.90
CA ILE A 346 -10.59 8.32 -31.30
C ILE A 346 -9.36 7.95 -30.49
N ILE A 347 -8.17 7.94 -31.12
CA ILE A 347 -6.93 7.69 -30.39
C ILE A 347 -5.86 8.71 -30.74
N ASP A 348 -4.90 8.85 -29.82
CA ASP A 348 -3.63 9.56 -30.04
C ASP A 348 -3.83 11.05 -30.34
N ILE A 349 -4.30 11.77 -29.34
CA ILE A 349 -4.69 13.15 -29.53
C ILE A 349 -3.63 14.17 -29.12
N LEU A 350 -2.58 13.75 -28.40
CA LEU A 350 -1.52 14.67 -27.98
C LEU A 350 -0.65 15.12 -29.17
N THR A 351 0.00 16.27 -29.01
CA THR A 351 0.64 16.89 -30.17
C THR A 351 1.91 16.14 -30.57
N HIS A 352 2.86 15.97 -29.64
CA HIS A 352 4.21 15.42 -29.88
C HIS A 352 5.09 16.42 -30.62
N TYR A 353 5.05 17.68 -30.17
CA TYR A 353 5.66 18.74 -30.95
C TYR A 353 7.13 18.45 -31.26
N ASP A 354 7.96 18.24 -30.23
CA ASP A 354 9.41 18.09 -30.45
C ASP A 354 9.79 16.74 -31.04
N ALA A 355 9.05 15.67 -30.69
CA ALA A 355 9.30 14.36 -31.30
C ALA A 355 9.17 14.42 -32.82
N LYS A 356 8.15 15.13 -33.32
CA LYS A 356 7.91 15.25 -34.75
C LYS A 356 8.82 16.28 -35.43
N LYS A 357 9.35 17.27 -34.68
CA LYS A 357 10.25 18.27 -35.27
C LYS A 357 11.69 17.76 -35.40
N LYS A 358 12.09 16.81 -34.55
CA LYS A 358 13.36 16.11 -34.76
C LYS A 358 13.20 14.92 -35.69
N ALA A 359 11.97 14.43 -35.89
CA ALA A 359 11.68 13.37 -36.85
C ALA A 359 11.91 13.80 -38.30
N ALA A 360 11.67 15.09 -38.62
CA ALA A 360 11.81 15.53 -40.00
C ALA A 360 13.25 15.35 -40.49
N HIS A 361 14.22 15.87 -39.74
CA HIS A 361 15.64 15.82 -40.12
C HIS A 361 16.09 14.41 -40.51
N THR A 376 0.48 24.03 -44.99
CA THR A 376 0.31 23.10 -43.86
C THR A 376 -1.15 23.09 -43.38
N VAL A 377 -1.53 22.05 -42.64
CA VAL A 377 -2.89 21.89 -42.17
C VAL A 377 -2.95 22.36 -40.72
N ASN A 378 -3.94 23.20 -40.40
CA ASN A 378 -4.17 23.59 -39.00
C ASN A 378 -5.26 22.74 -38.38
N PRO A 379 -5.47 22.86 -37.07
CA PRO A 379 -6.40 21.93 -36.41
C PRO A 379 -7.82 22.09 -36.87
N GLU A 380 -8.21 23.32 -37.19
CA GLU A 380 -9.51 23.55 -37.80
C GLU A 380 -9.66 22.72 -39.06
N GLN A 381 -8.73 22.89 -39.99
CA GLN A 381 -8.77 22.15 -41.24
C GLN A 381 -8.72 20.64 -40.99
N TYR A 382 -7.80 20.20 -40.12
CA TYR A 382 -7.65 18.77 -39.84
C TYR A 382 -8.99 18.16 -39.42
N SER A 383 -9.65 18.79 -38.44
CA SER A 383 -10.91 18.27 -37.94
C SER A 383 -11.93 18.13 -39.06
N LYS A 384 -11.96 19.09 -40.00
CA LYS A 384 -12.95 19.04 -41.06
C LYS A 384 -12.62 17.96 -42.11
N ARG A 385 -11.36 17.82 -42.53
CA ARG A 385 -11.02 16.66 -43.38
C ARG A 385 -11.42 15.37 -42.69
N PHE A 386 -11.05 15.24 -41.41
CA PHE A 386 -11.34 14.05 -40.63
C PHE A 386 -12.83 13.72 -40.66
N LEU A 387 -13.65 14.69 -40.23
CA LEU A 387 -15.09 14.44 -40.14
C LEU A 387 -15.68 14.10 -41.50
N ASP A 388 -15.24 14.78 -42.55
CA ASP A 388 -15.75 14.48 -43.88
C ASP A 388 -15.36 13.08 -44.32
N PHE A 389 -14.14 12.65 -44.04
CA PHE A 389 -13.74 11.30 -44.44
C PHE A 389 -14.55 10.25 -43.70
N ILE A 390 -14.64 10.36 -42.37
CA ILE A 390 -15.41 9.38 -41.62
C ILE A 390 -16.86 9.41 -42.03
N GLY A 391 -17.42 10.62 -42.17
CA GLY A 391 -18.79 10.71 -42.64
C GLY A 391 -19.02 9.96 -43.94
N HIS A 392 -18.02 9.94 -44.84
CA HIS A 392 -18.19 9.30 -46.15
C HIS A 392 -18.08 7.78 -46.14
N ILE A 393 -17.41 7.18 -45.15
CA ILE A 393 -17.13 5.74 -45.20
C ILE A 393 -18.04 4.91 -44.29
N LEU A 394 -18.79 5.54 -43.38
CA LEU A 394 -19.88 4.91 -42.61
C LEU A 394 -21.22 4.80 -43.37
N ASN B 17 -13.64 5.90 7.27
CA ASN B 17 -12.56 4.91 7.41
C ASN B 17 -11.28 5.53 7.88
N LEU B 18 -10.14 4.91 7.56
CA LEU B 18 -8.90 5.27 8.21
C LEU B 18 -8.12 6.28 7.37
N TYR B 19 -7.77 7.38 8.01
CA TYR B 19 -7.07 8.47 7.36
C TYR B 19 -5.74 8.74 8.04
N PHE B 20 -5.43 8.04 9.14
CA PHE B 20 -4.18 8.26 9.85
C PHE B 20 -4.04 9.68 10.37
N GLN B 21 -5.15 10.39 10.59
CA GLN B 21 -5.09 11.74 11.13
C GLN B 21 -4.64 11.75 12.58
N SER B 22 -3.92 12.80 12.97
CA SER B 22 -3.57 12.94 14.37
C SER B 22 -3.01 14.34 14.53
N MET B 23 -3.15 14.92 15.73
CA MET B 23 -2.47 16.19 15.98
C MET B 23 -0.95 16.04 15.92
N ASP B 24 -0.42 14.82 16.03
CA ASP B 24 1.01 14.61 16.08
C ASP B 24 1.51 13.99 14.78
N PRO B 25 2.23 14.75 13.93
CA PRO B 25 2.61 14.20 12.61
C PRO B 25 3.43 12.92 12.70
N LEU B 26 4.19 12.72 13.79
CA LEU B 26 4.99 11.50 13.89
C LEU B 26 4.10 10.29 14.09
N LEU B 27 3.00 10.46 14.83
CA LEU B 27 2.01 9.40 14.94
C LEU B 27 1.36 9.08 13.60
N SER B 28 1.04 10.11 12.78
CA SER B 28 0.46 9.86 11.46
C SER B 28 1.42 9.09 10.58
N VAL B 29 2.67 9.53 10.52
CA VAL B 29 3.69 8.76 9.81
C VAL B 29 3.85 7.34 10.38
N LEU B 30 3.81 7.18 11.71
CA LEU B 30 3.91 5.83 12.28
C LEU B 30 2.75 4.95 11.82
N MET B 31 1.52 5.51 11.85
CA MET B 31 0.33 4.78 11.43
C MET B 31 0.39 4.44 9.94
N TRP B 32 0.73 5.44 9.13
CA TRP B 32 0.92 5.18 7.71
C TRP B 32 1.98 4.07 7.49
N GLY B 33 3.08 4.10 8.25
CA GLY B 33 4.18 3.18 7.98
C GLY B 33 3.86 1.73 8.36
N VAL B 34 3.28 1.52 9.53
CA VAL B 34 2.79 0.19 9.89
C VAL B 34 1.78 -0.31 8.85
N ASN B 35 0.85 0.55 8.44
CA ASN B 35 -0.04 0.17 7.36
C ASN B 35 0.73 -0.27 6.12
N HIS B 36 1.60 0.59 5.59
CA HIS B 36 2.43 0.25 4.44
C HIS B 36 3.28 -1.05 4.66
N SER B 37 3.94 -1.16 5.77
CA SER B 37 4.88 -2.27 5.91
C SER B 37 4.13 -3.60 5.98
N ILE B 38 3.01 -3.65 6.72
CA ILE B 38 2.25 -4.90 6.79
C ILE B 38 1.62 -5.24 5.44
N ASN B 39 1.14 -4.24 4.68
CA ASN B 39 0.62 -4.52 3.35
C ASN B 39 1.73 -5.04 2.41
N GLU B 40 2.91 -4.41 2.46
CA GLU B 40 4.05 -4.87 1.67
C GLU B 40 4.34 -6.34 1.95
N LEU B 41 4.33 -6.73 3.21
CA LEU B 41 4.66 -8.12 3.58
C LEU B 41 3.64 -9.11 3.04
N SER B 42 2.40 -8.69 2.86
CA SER B 42 1.50 -9.63 2.22
C SER B 42 1.85 -9.86 0.76
N HIS B 43 2.85 -9.20 0.21
CA HIS B 43 3.29 -9.52 -1.15
C HIS B 43 4.70 -10.09 -1.14
N VAL B 44 5.10 -10.69 -0.02
CA VAL B 44 6.39 -11.36 0.13
C VAL B 44 6.16 -12.71 0.77
N GLN B 45 6.71 -13.76 0.16
CA GLN B 45 6.48 -15.11 0.65
C GLN B 45 6.91 -15.25 2.09
N ILE B 46 6.23 -16.15 2.82
CA ILE B 46 6.62 -16.58 4.16
C ILE B 46 7.73 -17.61 3.96
N PRO B 47 8.99 -17.32 4.33
CA PRO B 47 10.07 -18.28 4.07
C PRO B 47 9.97 -19.49 5.00
N VAL B 48 10.52 -20.61 4.54
CA VAL B 48 10.65 -21.77 5.42
C VAL B 48 11.45 -21.39 6.68
N MET B 49 12.60 -20.75 6.50
CA MET B 49 13.31 -20.25 7.66
C MET B 49 13.98 -18.94 7.29
N LEU B 50 14.24 -18.13 8.32
CA LEU B 50 15.07 -16.94 8.24
C LEU B 50 16.53 -17.28 7.95
N MET B 51 17.20 -16.36 7.28
CA MET B 51 18.59 -16.52 6.90
C MET B 51 19.38 -15.32 7.40
N PRO B 52 20.70 -15.44 7.49
CA PRO B 52 21.47 -14.33 8.07
C PRO B 52 21.10 -12.97 7.47
N ASP B 53 20.96 -12.91 6.16
CA ASP B 53 20.76 -11.62 5.53
C ASP B 53 19.45 -10.96 5.99
N ASP B 54 18.46 -11.75 6.37
CA ASP B 54 17.24 -11.14 6.94
C ASP B 54 17.50 -10.30 8.20
N PHE B 55 18.55 -10.62 8.98
CA PHE B 55 18.89 -9.85 10.17
C PHE B 55 19.69 -8.58 9.86
N LYS B 56 20.03 -8.35 8.60
CA LYS B 56 20.71 -7.13 8.17
C LYS B 56 19.85 -6.31 7.22
N ALA B 57 18.60 -6.69 7.01
CA ALA B 57 17.77 -6.11 5.99
C ALA B 57 16.99 -4.89 6.51
N TYR B 58 16.47 -4.09 5.56
CA TYR B 58 15.49 -3.06 5.88
C TYR B 58 14.73 -2.65 4.62
N SER B 59 13.68 -1.88 4.81
CA SER B 59 13.06 -1.18 3.68
C SER B 59 12.90 0.27 4.06
N LYS B 60 13.25 1.14 3.11
CA LYS B 60 13.26 2.57 3.30
C LYS B 60 12.30 3.15 2.27
N ILE B 61 11.45 4.07 2.69
CA ILE B 61 10.55 4.71 1.76
C ILE B 61 10.51 6.21 2.09
N LYS B 62 10.63 7.03 1.05
CA LYS B 62 10.62 8.48 1.17
C LYS B 62 9.47 9.02 0.36
N VAL B 63 8.58 9.76 1.00
CA VAL B 63 7.33 10.21 0.39
C VAL B 63 7.33 11.73 0.27
N ASP B 64 7.06 12.22 -0.94
CA ASP B 64 6.99 13.66 -1.23
C ASP B 64 5.70 13.93 -1.99
N ASN B 65 4.69 14.39 -1.27
CA ASN B 65 3.41 14.76 -1.88
C ASN B 65 3.37 16.25 -2.18
N HIS B 66 2.70 16.61 -3.27
CA HIS B 66 2.53 18.01 -3.61
C HIS B 66 1.04 18.27 -3.80
N LEU B 67 0.44 19.05 -2.89
CA LEU B 67 -0.96 19.42 -3.00
C LEU B 67 -1.86 18.19 -3.02
N PHE B 68 -1.47 17.16 -2.28
CA PHE B 68 -2.22 15.90 -2.28
C PHE B 68 -2.30 15.39 -0.86
N ASN B 69 -3.50 15.12 -0.40
CA ASN B 69 -3.72 14.55 0.93
C ASN B 69 -3.14 15.42 2.04
N LYS B 70 -3.05 16.74 1.77
CA LYS B 70 -2.53 17.72 2.74
C LYS B 70 -3.40 17.82 4.00
N GLU B 71 -4.63 17.32 3.98
CA GLU B 71 -5.47 17.36 5.17
C GLU B 71 -4.94 16.41 6.25
N ASN B 72 -4.69 15.15 5.89
CA ASN B 72 -4.50 14.09 6.86
C ASN B 72 -3.05 13.92 7.29
N MET B 73 -2.13 14.04 6.33
CA MET B 73 -0.76 13.57 6.35
C MET B 73 0.21 14.72 6.09
N PRO B 74 1.37 14.74 6.75
CA PRO B 74 2.46 15.61 6.28
C PRO B 74 2.81 15.26 4.85
N SER B 75 3.39 16.23 4.15
CA SER B 75 3.63 16.10 2.72
C SER B 75 5.00 15.49 2.42
N HIS B 76 5.94 15.64 3.34
CA HIS B 76 7.29 15.12 3.20
C HIS B 76 7.62 14.32 4.45
N PHE B 77 7.94 13.05 4.27
CA PHE B 77 8.37 12.22 5.38
C PHE B 77 9.12 10.99 4.86
N LYS B 78 9.88 10.36 5.76
CA LYS B 78 10.55 9.08 5.51
C LYS B 78 10.13 8.07 6.56
N PHE B 79 9.94 6.82 6.10
CA PHE B 79 9.67 5.68 6.97
C PHE B 79 10.70 4.57 6.67
N LYS B 80 11.26 3.96 7.71
CA LYS B 80 12.22 2.87 7.55
C LYS B 80 11.88 1.74 8.51
N GLU B 81 11.72 0.53 7.99
CA GLU B 81 11.46 -0.64 8.83
C GLU B 81 12.70 -1.55 8.89
N TYR B 82 13.14 -1.91 10.10
CA TYR B 82 14.35 -2.73 10.25
C TYR B 82 13.95 -4.19 10.23
N CYS B 83 14.69 -5.00 9.47
CA CYS B 83 14.55 -6.46 9.51
C CYS B 83 13.09 -6.93 9.40
N PRO B 84 12.34 -6.49 8.36
CA PRO B 84 10.91 -6.87 8.31
C PRO B 84 10.64 -8.37 8.40
N MET B 85 11.38 -9.23 7.69
CA MET B 85 11.08 -10.66 7.73
C MET B 85 11.19 -11.23 9.13
N VAL B 86 12.13 -10.70 9.93
CA VAL B 86 12.35 -11.18 11.28
C VAL B 86 11.21 -10.79 12.21
N PHE B 87 10.79 -9.52 12.13
CA PHE B 87 9.74 -9.08 13.05
C PHE B 87 8.40 -9.69 12.68
N ARG B 88 8.17 -9.93 11.39
CA ARG B 88 7.01 -10.72 11.05
C ARG B 88 7.12 -12.12 11.63
N ASN B 89 8.30 -12.73 11.55
CA ASN B 89 8.39 -14.08 12.11
C ASN B 89 8.16 -14.03 13.61
N LEU B 90 8.76 -13.06 14.29
CA LEU B 90 8.56 -12.93 15.73
C LEU B 90 7.09 -12.80 16.09
N ARG B 91 6.37 -11.91 15.40
CA ARG B 91 4.96 -11.74 15.69
C ARG B 91 4.23 -13.06 15.60
N GLU B 92 4.51 -13.82 14.53
CA GLU B 92 3.86 -15.12 14.42
C GLU B 92 4.21 -16.02 15.61
N ARG B 93 5.46 -16.07 15.98
CA ARG B 93 5.82 -16.93 17.08
C ARG B 93 5.21 -16.47 18.38
N PHE B 94 4.87 -15.19 18.52
CA PHE B 94 4.19 -14.74 19.73
C PHE B 94 2.67 -14.82 19.61
N GLY B 95 2.14 -15.51 18.59
CA GLY B 95 0.69 -15.62 18.48
C GLY B 95 -0.03 -14.38 17.98
N ILE B 96 0.65 -13.52 17.24
CA ILE B 96 0.09 -12.26 16.78
C ILE B 96 -0.13 -12.32 15.28
N ASP B 97 -1.38 -12.21 14.84
CA ASP B 97 -1.69 -12.14 13.41
C ASP B 97 -1.37 -10.73 12.83
N ASP B 98 -0.66 -10.68 11.70
CA ASP B 98 -0.25 -9.40 11.10
C ASP B 98 -1.45 -8.44 10.91
N GLN B 99 -2.59 -8.94 10.41
CA GLN B 99 -3.73 -8.05 10.15
C GLN B 99 -4.33 -7.46 11.43
N ASP B 100 -4.39 -8.26 12.51
CA ASP B 100 -4.83 -7.73 13.80
C ASP B 100 -3.84 -6.70 14.31
N PHE B 101 -2.53 -6.99 14.16
CA PHE B 101 -1.49 -6.04 14.57
C PHE B 101 -1.62 -4.73 13.78
N GLN B 102 -1.75 -4.83 12.47
CA GLN B 102 -1.96 -3.65 11.64
C GLN B 102 -3.18 -2.84 12.14
N ASN B 103 -4.27 -3.53 12.48
CA ASN B 103 -5.48 -2.85 12.96
C ASN B 103 -5.23 -2.14 14.29
N SER B 104 -4.54 -2.80 15.22
CA SER B 104 -4.32 -2.21 16.54
C SER B 104 -3.51 -0.92 16.44
N LEU B 105 -2.64 -0.81 15.46
CA LEU B 105 -1.76 0.33 15.35
C LEU B 105 -2.29 1.42 14.41
N THR B 106 -3.41 1.18 13.72
CA THR B 106 -3.82 2.17 12.73
C THR B 106 -5.30 2.48 12.72
N ARG B 107 -6.19 1.61 13.25
CA ARG B 107 -7.61 1.94 13.22
C ARG B 107 -7.87 3.24 13.97
N SER B 108 -7.00 3.58 14.92
CA SER B 108 -7.10 4.78 15.72
C SER B 108 -5.69 5.08 16.25
N ALA B 109 -5.43 6.34 16.50
CA ALA B 109 -4.11 6.79 16.86
C ALA B 109 -3.66 6.18 18.19
N PRO B 110 -2.38 5.87 18.34
CA PRO B 110 -1.87 5.47 19.66
C PRO B 110 -2.02 6.60 20.66
N LEU B 111 -2.19 6.21 21.93
CA LEU B 111 -2.40 7.14 23.04
C LEU B 111 -1.12 7.42 23.82
N PRO B 112 -0.76 8.69 24.06
CA PRO B 112 0.32 8.98 25.03
C PRO B 112 -0.11 8.58 26.43
N ASN B 113 0.78 7.91 27.15
CA ASN B 113 0.57 7.54 28.54
C ASN B 113 1.45 8.49 29.33
N ASP B 114 0.84 9.60 29.78
CA ASP B 114 1.50 10.73 30.45
C ASP B 114 2.82 11.15 29.79
N ARG B 122 9.27 9.24 26.04
CA ARG B 122 7.92 9.17 25.46
C ARG B 122 7.54 7.71 25.24
N PHE B 123 6.45 7.24 25.89
CA PHE B 123 5.87 5.96 25.53
C PHE B 123 4.36 6.07 25.26
N HIS B 124 3.94 5.45 24.16
CA HIS B 124 2.55 5.37 23.75
C HIS B 124 2.01 3.96 23.90
N THR B 125 0.70 3.89 24.01
CA THR B 125 -0.07 2.66 23.97
C THR B 125 -0.92 2.68 22.69
N SER B 126 -1.09 1.52 22.09
CA SER B 126 -2.05 1.39 20.98
C SER B 126 -3.45 1.62 21.53
N TYR B 127 -4.40 2.01 20.63
CA TYR B 127 -5.69 2.46 21.13
C TYR B 127 -6.41 1.32 21.83
N ASP B 128 -6.11 0.07 21.46
CA ASP B 128 -6.75 -1.07 22.10
C ASP B 128 -5.92 -1.61 23.28
N LYS B 129 -4.85 -0.91 23.67
CA LYS B 129 -3.98 -1.23 24.83
C LYS B 129 -3.29 -2.58 24.69
N ARG B 130 -3.18 -3.11 23.48
CA ARG B 130 -2.49 -4.39 23.32
C ARG B 130 -0.98 -4.25 23.22
N TYR B 131 -0.50 -3.11 22.66
CA TYR B 131 0.91 -2.90 22.37
C TYR B 131 1.43 -1.61 22.98
N ILE B 132 2.75 -1.58 23.15
CA ILE B 132 3.48 -0.43 23.68
C ILE B 132 4.37 0.07 22.56
N ILE B 133 4.39 1.39 22.37
CA ILE B 133 5.24 2.02 21.37
C ILE B 133 6.16 2.98 22.10
N LYS B 134 7.45 2.80 21.90
CA LYS B 134 8.46 3.48 22.72
C LYS B 134 9.46 4.15 21.80
N THR B 135 9.79 5.40 22.09
CA THR B 135 10.89 6.03 21.40
C THR B 135 12.23 5.53 21.95
N ILE B 136 13.13 5.07 21.06
CA ILE B 136 14.46 4.64 21.53
C ILE B 136 15.52 5.44 20.79
N THR B 137 16.76 5.22 21.16
CA THR B 137 17.90 5.95 20.61
C THR B 137 18.54 5.13 19.51
N SER B 138 19.49 5.74 18.80
CA SER B 138 20.18 4.97 17.76
C SER B 138 21.10 3.91 18.36
N GLU B 139 21.74 4.20 19.50
CA GLU B 139 22.51 3.17 20.18
C GLU B 139 21.60 2.02 20.62
N ASP B 140 20.37 2.32 21.03
CA ASP B 140 19.40 1.23 21.22
C ASP B 140 19.17 0.46 19.92
N VAL B 141 19.05 1.15 18.78
CA VAL B 141 18.82 0.41 17.54
C VAL B 141 20.01 -0.49 17.22
N ALA B 142 21.23 0.03 17.40
CA ALA B 142 22.45 -0.72 17.13
C ALA B 142 22.49 -1.97 18.01
N GLU B 143 22.25 -1.81 19.31
CA GLU B 143 22.22 -2.95 20.22
C GLU B 143 21.15 -3.98 19.84
N MET B 144 19.95 -3.52 19.47
CA MET B 144 18.90 -4.45 19.03
C MET B 144 19.39 -5.36 17.91
N HIS B 145 20.05 -4.76 16.91
CA HIS B 145 20.63 -5.55 15.83
C HIS B 145 21.66 -6.54 16.35
N ASN B 146 22.53 -6.11 17.29
CA ASN B 146 23.57 -7.00 17.80
C ASN B 146 23.00 -8.25 18.45
N ILE B 147 21.83 -8.13 19.10
CA ILE B 147 21.30 -9.25 19.86
C ILE B 147 20.23 -10.03 19.10
N LEU B 148 19.85 -9.61 17.90
CA LEU B 148 18.58 -10.09 17.33
C LEU B 148 18.66 -11.54 16.83
N LYS B 149 19.78 -11.94 16.22
CA LYS B 149 19.96 -13.37 15.91
C LYS B 149 19.77 -14.22 17.15
N LYS B 150 20.54 -13.94 18.22
CA LYS B 150 20.45 -14.79 19.40
C LYS B 150 19.10 -14.67 20.09
N TYR B 151 18.49 -13.48 20.04
CA TYR B 151 17.15 -13.30 20.60
C TYR B 151 16.14 -14.15 19.85
N HIS B 152 16.16 -14.07 18.53
CA HIS B 152 15.24 -14.90 17.75
C HIS B 152 15.47 -16.40 18.01
N GLN B 153 16.72 -16.85 17.99
CA GLN B 153 16.94 -18.25 18.30
C GLN B 153 16.39 -18.61 19.66
N TYR B 154 16.62 -17.76 20.67
CA TYR B 154 16.04 -18.01 21.97
C TYR B 154 14.51 -18.16 21.89
N ILE B 155 13.84 -17.23 21.18
CA ILE B 155 12.38 -17.32 21.04
C ILE B 155 11.96 -18.63 20.36
N VAL B 156 12.69 -19.04 19.30
CA VAL B 156 12.44 -20.34 18.67
C VAL B 156 12.53 -21.47 19.71
N GLU B 157 13.66 -21.53 20.45
CA GLU B 157 13.91 -22.63 21.37
C GLU B 157 12.91 -22.67 22.54
N CYS B 158 12.37 -21.53 22.99
CA CYS B 158 11.43 -21.60 24.11
C CYS B 158 9.98 -21.61 23.65
N HIS B 159 9.77 -21.77 22.36
CA HIS B 159 8.43 -21.76 21.77
C HIS B 159 7.65 -20.50 22.14
N GLY B 160 8.33 -19.37 22.22
CA GLY B 160 7.63 -18.10 22.49
C GLY B 160 7.09 -17.94 23.90
N ILE B 161 7.36 -18.90 24.78
CA ILE B 161 7.00 -18.84 26.20
C ILE B 161 8.16 -18.21 26.96
N THR B 162 8.02 -16.95 27.37
CA THR B 162 9.14 -16.24 27.98
C THR B 162 8.59 -15.06 28.74
N LEU B 163 9.40 -14.54 29.64
CA LEU B 163 9.15 -13.27 30.31
C LEU B 163 9.95 -12.11 29.70
N LEU B 164 10.78 -12.37 28.69
CA LEU B 164 11.45 -11.27 28.02
C LEU B 164 10.43 -10.37 27.32
N PRO B 165 10.84 -9.15 26.96
CA PRO B 165 9.98 -8.34 26.08
C PRO B 165 9.76 -9.04 24.75
N GLN B 166 8.55 -8.87 24.21
CA GLN B 166 8.22 -9.33 22.87
C GLN B 166 8.38 -8.17 21.92
N PHE B 167 9.44 -8.21 21.10
CA PHE B 167 9.72 -7.13 20.15
C PHE B 167 9.03 -7.47 18.86
N LEU B 168 8.10 -6.60 18.43
CA LEU B 168 7.21 -6.86 17.32
C LEU B 168 7.49 -6.01 16.09
N GLY B 169 8.27 -4.96 16.22
CA GLY B 169 8.54 -4.11 15.09
C GLY B 169 9.50 -3.04 15.53
N MET B 170 10.37 -2.60 14.61
CA MET B 170 11.34 -1.56 14.92
C MET B 170 11.46 -0.63 13.72
N TYR B 171 11.29 0.69 13.95
CA TYR B 171 11.16 1.67 12.87
C TYR B 171 11.92 2.96 13.11
N ARG B 172 12.19 3.66 12.01
CA ARG B 172 12.74 5.01 12.01
C ARG B 172 11.79 5.94 11.24
N LEU B 173 11.44 7.07 11.85
CA LEU B 173 10.50 8.04 11.32
C LEU B 173 11.19 9.37 11.14
N ASN B 174 10.97 10.03 9.98
CA ASN B 174 11.48 11.38 9.71
C ASN B 174 10.33 12.22 9.19
N VAL B 175 10.11 13.36 9.83
CA VAL B 175 9.24 14.39 9.28
C VAL B 175 9.63 15.72 9.91
N ASP B 176 9.60 16.76 9.09
CA ASP B 176 9.75 18.14 9.55
C ASP B 176 11.04 18.33 10.34
N GLY B 177 12.15 17.79 9.82
CA GLY B 177 13.44 17.86 10.48
C GLY B 177 13.57 17.08 11.77
N VAL B 178 12.56 16.30 12.14
CA VAL B 178 12.57 15.48 13.36
C VAL B 178 12.74 14.03 12.93
N GLU B 179 13.69 13.34 13.57
CA GLU B 179 13.95 11.93 13.35
C GLU B 179 13.88 11.17 14.67
N ILE B 180 13.00 10.15 14.76
CA ILE B 180 12.99 9.29 15.93
C ILE B 180 13.08 7.82 15.50
N TYR B 181 13.57 6.98 16.43
CA TYR B 181 13.54 5.53 16.31
C TYR B 181 12.47 5.02 17.26
N VAL B 182 11.74 4.01 16.82
CA VAL B 182 10.64 3.47 17.61
C VAL B 182 10.72 1.94 17.69
N ILE B 183 10.29 1.40 18.83
CA ILE B 183 10.17 -0.05 19.05
C ILE B 183 8.75 -0.35 19.56
N VAL B 184 8.17 -1.44 19.05
CA VAL B 184 6.85 -1.91 19.46
C VAL B 184 7.00 -3.22 20.25
N THR B 185 6.40 -3.25 21.46
CA THR B 185 6.42 -4.45 22.27
C THR B 185 5.02 -4.85 22.71
N ARG B 186 4.89 -6.07 23.20
CA ARG B 186 3.62 -6.48 23.81
C ARG B 186 3.47 -5.83 25.18
N ASN B 187 2.31 -5.23 25.43
CA ASN B 187 2.00 -4.70 26.76
C ASN B 187 2.07 -5.81 27.81
N VAL B 188 2.77 -5.55 28.91
CA VAL B 188 2.79 -6.50 30.02
C VAL B 188 1.44 -6.55 30.70
N PHE B 189 0.74 -5.42 30.74
CA PHE B 189 -0.53 -5.36 31.44
C PHE B 189 -1.68 -5.83 30.56
N SER B 190 -2.80 -6.08 31.25
CA SER B 190 -4.05 -6.48 30.60
C SER B 190 -4.60 -5.41 29.67
N HIS B 191 -5.09 -5.82 28.51
CA HIS B 191 -5.74 -4.83 27.65
C HIS B 191 -7.10 -4.42 28.16
N ARG B 192 -7.62 -5.06 29.23
CA ARG B 192 -8.97 -4.81 29.77
C ARG B 192 -9.01 -4.61 31.28
N LEU B 193 -8.22 -5.36 32.05
CA LEU B 193 -8.24 -5.28 33.51
C LEU B 193 -7.35 -4.15 33.99
N SER B 194 -7.87 -3.32 34.90
CA SER B 194 -7.11 -2.18 35.38
C SER B 194 -6.01 -2.58 36.36
N VAL B 195 -4.90 -1.85 36.30
CA VAL B 195 -3.79 -1.97 37.23
C VAL B 195 -3.86 -0.80 38.22
N TYR B 196 -4.03 -1.09 39.51
CA TYR B 196 -4.07 -0.02 40.50
C TYR B 196 -2.74 0.20 41.21
N ARG B 197 -1.81 -0.75 41.12
CA ARG B 197 -0.48 -0.59 41.68
C ARG B 197 0.54 -1.12 40.69
N LYS B 198 1.65 -0.39 40.56
CA LYS B 198 2.61 -0.62 39.50
C LYS B 198 4.01 -0.50 40.09
N TYR B 199 4.83 -1.55 39.90
CA TYR B 199 6.19 -1.54 40.41
C TYR B 199 7.21 -1.89 39.33
N ASP B 200 8.40 -1.33 39.50
CA ASP B 200 9.56 -1.56 38.65
C ASP B 200 10.66 -2.05 39.60
N LEU B 201 11.05 -3.32 39.50
CA LEU B 201 11.97 -3.92 40.47
C LEU B 201 13.27 -4.38 39.83
N LYS B 202 14.38 -4.10 40.52
CA LYS B 202 15.71 -4.51 40.08
C LYS B 202 16.47 -5.38 41.09
N GLY B 203 16.24 -5.21 42.38
CA GLY B 203 17.06 -5.86 43.38
C GLY B 203 18.18 -5.00 43.96
N SER B 204 18.14 -3.68 43.78
CA SER B 204 19.13 -2.81 44.42
C SER B 204 18.56 -2.17 45.69
N ALA B 207 19.31 1.96 46.11
CA ALA B 207 18.89 3.36 46.06
C ALA B 207 17.69 3.55 45.14
N ARG B 208 16.59 2.91 45.50
CA ARG B 208 15.45 2.71 44.60
C ARG B 208 14.13 3.08 45.28
N GLU B 209 13.71 4.35 45.19
CA GLU B 209 12.38 4.73 45.65
C GLU B 209 11.82 5.82 44.75
N ALA B 210 10.49 5.80 44.62
CA ALA B 210 9.82 6.84 43.85
C ALA B 210 9.91 8.19 44.57
N SER B 211 9.93 9.25 43.77
CA SER B 211 9.88 10.61 44.30
C SER B 211 8.50 10.93 44.87
N ASP B 212 8.43 12.01 45.62
CA ASP B 212 7.11 12.46 46.09
C ASP B 212 6.27 13.03 44.95
N LYS B 213 6.91 13.52 43.88
CA LYS B 213 6.18 13.99 42.70
C LYS B 213 5.66 12.81 41.88
N GLU B 214 6.44 11.72 41.82
CA GLU B 214 5.96 10.51 41.17
C GLU B 214 4.85 9.85 41.96
N LYS B 215 4.91 9.88 43.29
CA LYS B 215 3.83 9.29 44.09
C LYS B 215 2.52 10.07 43.94
N ALA B 216 2.59 11.36 43.58
CA ALA B 216 1.40 12.21 43.43
C ALA B 216 0.66 11.99 42.11
N LYS B 217 1.17 11.15 41.22
CA LYS B 217 0.41 10.75 40.05
C LYS B 217 -0.62 9.68 40.44
N GLU B 218 -1.60 9.49 39.57
CA GLU B 218 -2.68 8.58 39.94
C GLU B 218 -2.21 7.13 39.89
N LEU B 219 -1.41 6.77 38.89
CA LEU B 219 -0.77 5.45 38.81
C LEU B 219 0.75 5.64 38.88
N PRO B 220 1.29 5.83 40.09
CA PRO B 220 2.74 6.03 40.20
C PRO B 220 3.54 4.74 39.98
N THR B 221 4.75 4.90 39.45
CA THR B 221 5.71 3.83 39.29
C THR B 221 6.51 3.72 40.59
N LEU B 222 6.10 2.82 41.46
CA LEU B 222 6.88 2.56 42.66
C LEU B 222 8.09 1.69 42.31
N LYS B 223 9.08 1.65 43.22
CA LYS B 223 10.27 0.82 43.09
C LYS B 223 10.57 -0.01 44.34
N ASP B 224 11.74 -0.67 44.34
CA ASP B 224 12.06 -1.73 45.31
C ASP B 224 11.71 -1.36 46.74
N ASN B 225 12.30 -0.28 47.24
CA ASN B 225 12.07 0.10 48.64
C ASN B 225 10.62 0.49 48.89
N ASP B 226 9.91 1.04 47.88
CA ASP B 226 8.47 1.29 48.08
C ASP B 226 7.72 -0.02 48.27
N PHE B 227 8.03 -1.00 47.44
CA PHE B 227 7.55 -2.37 47.61
C PHE B 227 7.79 -2.89 49.03
N ILE B 228 9.05 -2.81 49.50
CA ILE B 228 9.38 -3.27 50.84
C ILE B 228 8.65 -2.43 51.89
N ASN B 229 8.70 -1.11 51.76
CA ASN B 229 8.22 -0.24 52.82
C ASN B 229 6.73 -0.37 53.02
N GLU B 230 5.97 -0.53 51.93
CA GLU B 230 4.53 -0.71 52.05
C GLU B 230 4.13 -2.15 52.33
N GLY B 231 5.06 -3.04 52.62
CA GLY B 231 4.69 -4.42 52.92
C GLY B 231 3.94 -5.11 51.81
N GLN B 232 4.20 -4.76 50.56
CA GLN B 232 3.49 -5.35 49.42
C GLN B 232 3.71 -6.87 49.36
N LYS B 233 2.62 -7.64 49.37
CA LYS B 233 2.70 -9.08 49.30
C LYS B 233 2.06 -9.57 48.00
N ILE B 234 2.73 -10.50 47.31
CA ILE B 234 2.23 -11.13 46.07
C ILE B 234 2.00 -12.60 46.32
N TYR B 235 0.73 -13.03 46.42
CA TYR B 235 0.39 -14.42 46.77
C TYR B 235 0.01 -15.22 45.53
N ILE B 236 0.97 -15.96 44.99
CA ILE B 236 0.64 -16.94 43.97
C ILE B 236 0.99 -18.33 44.49
N ASP B 237 0.22 -19.33 44.03
CA ASP B 237 0.35 -20.68 44.54
C ASP B 237 1.65 -21.34 44.08
N ASP B 238 2.02 -22.38 44.80
CA ASP B 238 3.39 -22.89 44.68
C ASP B 238 3.71 -23.32 43.25
N ASN B 239 2.73 -23.78 42.47
CA ASN B 239 3.15 -24.23 41.15
C ASN B 239 3.24 -23.10 40.13
N ASN B 240 2.32 -22.13 40.14
CA ASN B 240 2.51 -20.97 39.28
C ASN B 240 3.83 -20.28 39.62
N LYS B 241 4.18 -20.25 40.90
CA LYS B 241 5.46 -19.70 41.34
C LYS B 241 6.62 -20.47 40.72
N LYS B 242 6.58 -21.79 40.80
CA LYS B 242 7.68 -22.56 40.22
C LYS B 242 7.81 -22.32 38.72
N VAL B 243 6.69 -22.37 37.99
CA VAL B 243 6.75 -22.17 36.54
C VAL B 243 7.29 -20.78 36.21
N PHE B 244 6.83 -19.76 36.92
CA PHE B 244 7.30 -18.40 36.68
C PHE B 244 8.75 -18.25 37.05
N LEU B 245 9.16 -18.78 38.21
CA LEU B 245 10.54 -18.66 38.64
C LEU B 245 11.50 -19.39 37.70
N GLU B 246 11.07 -20.53 37.13
CA GLU B 246 11.94 -21.25 36.20
C GLU B 246 12.07 -20.54 34.85
N LYS B 247 10.97 -20.02 34.29
CA LYS B 247 11.06 -19.07 33.17
C LYS B 247 12.03 -17.93 33.48
N LEU B 248 11.77 -17.20 34.57
CA LEU B 248 12.62 -16.08 34.95
C LEU B 248 14.09 -16.45 34.92
N LYS B 249 14.43 -17.61 35.51
CA LYS B 249 15.84 -18.00 35.56
C LYS B 249 16.41 -18.17 34.16
N LYS B 250 15.73 -18.95 33.32
CA LYS B 250 16.26 -19.11 31.96
C LYS B 250 16.41 -17.76 31.24
N ASP B 251 15.39 -16.91 31.32
CA ASP B 251 15.41 -15.62 30.63
C ASP B 251 16.58 -14.76 31.11
N VAL B 252 16.74 -14.71 32.43
CA VAL B 252 17.75 -13.83 33.00
C VAL B 252 19.14 -14.36 32.71
N GLU B 253 19.32 -15.67 32.70
CA GLU B 253 20.63 -16.21 32.30
C GLU B 253 20.97 -15.86 30.84
N PHE B 254 19.97 -15.85 29.97
CA PHE B 254 20.15 -15.39 28.60
C PHE B 254 20.61 -13.94 28.56
N LEU B 255 19.96 -13.07 29.34
CA LEU B 255 20.39 -11.67 29.37
C LEU B 255 21.83 -11.57 29.85
N ALA B 256 22.19 -12.36 30.86
CA ALA B 256 23.56 -12.30 31.38
C ALA B 256 24.58 -12.70 30.30
N GLN B 257 24.24 -13.65 29.43
CA GLN B 257 25.18 -14.04 28.37
C GLN B 257 25.37 -12.94 27.33
N LEU B 258 24.30 -12.20 27.02
CA LEU B 258 24.42 -11.05 26.15
C LEU B 258 25.15 -9.91 26.81
N LYS B 259 25.47 -10.05 28.10
CA LYS B 259 26.09 -9.02 28.92
C LYS B 259 25.22 -7.78 29.03
N LEU B 260 23.92 -8.02 29.23
CA LEU B 260 22.93 -6.97 29.47
C LEU B 260 22.61 -6.90 30.95
N MET B 261 22.33 -5.69 31.42
CA MET B 261 21.85 -5.46 32.78
C MET B 261 20.95 -4.21 32.79
N ASP B 262 20.63 -3.73 33.99
CA ASP B 262 19.73 -2.60 34.25
C ASP B 262 18.28 -2.88 33.85
N TYR B 263 17.95 -4.13 33.51
CA TYR B 263 16.57 -4.48 33.21
C TYR B 263 15.76 -4.64 34.50
N SER B 264 14.44 -4.64 34.39
CA SER B 264 13.60 -4.65 35.58
C SER B 264 12.51 -5.68 35.40
N LEU B 265 11.89 -6.08 36.52
CA LEU B 265 10.60 -6.73 36.51
C LEU B 265 9.50 -5.68 36.64
N LEU B 266 8.63 -5.59 35.62
CA LEU B 266 7.43 -4.77 35.73
C LEU B 266 6.37 -5.63 36.39
N VAL B 267 5.78 -5.13 37.47
CA VAL B 267 4.75 -5.82 38.21
C VAL B 267 3.52 -4.92 38.29
N GLY B 268 2.40 -5.40 37.77
CA GLY B 268 1.14 -4.68 37.87
C GLY B 268 0.16 -5.53 38.64
N ILE B 269 -0.60 -4.88 39.54
CA ILE B 269 -1.55 -5.54 40.44
C ILE B 269 -2.96 -5.06 40.14
N HIS B 270 -3.84 -5.98 39.72
CA HIS B 270 -5.27 -5.70 39.53
C HIS B 270 -6.01 -6.14 40.79
N ASP B 271 -6.71 -5.21 41.40
CA ASP B 271 -7.48 -5.47 42.61
C ASP B 271 -8.93 -5.70 42.22
N VAL B 272 -9.39 -6.95 42.33
CA VAL B 272 -10.68 -7.35 41.75
C VAL B 272 -11.82 -6.55 42.36
N GLU B 273 -11.90 -6.51 43.70
CA GLU B 273 -13.00 -5.81 44.36
C GLU B 273 -12.97 -4.31 44.09
N ARG B 274 -11.78 -3.68 44.19
CA ARG B 274 -11.71 -2.25 43.87
C ARG B 274 -12.12 -1.98 42.44
N ALA B 275 -11.93 -2.96 41.53
CA ALA B 275 -12.39 -2.81 40.14
C ALA B 275 -13.91 -2.75 40.07
N GLU B 276 -14.60 -3.62 40.83
CA GLU B 276 -16.06 -3.56 40.88
C GLU B 276 -16.59 -2.15 41.14
N GLN B 277 -15.79 -1.27 41.75
CA GLN B 277 -16.10 0.15 41.80
C GLN B 277 -15.67 0.87 40.53
N GLU B 278 -14.43 0.65 40.09
CA GLU B 278 -13.96 1.25 38.82
C GLU B 278 -14.93 1.00 37.64
N LEU B 316 -16.86 -11.71 30.07
CA LEU B 316 -16.16 -12.49 31.10
C LEU B 316 -16.31 -11.88 32.51
N ALA B 317 -16.31 -12.73 33.53
CA ALA B 317 -16.61 -12.33 34.90
C ALA B 317 -15.46 -11.52 35.53
N PRO B 318 -15.73 -10.83 36.64
CA PRO B 318 -14.70 -9.99 37.27
C PRO B 318 -13.52 -10.83 37.78
N GLY B 319 -12.30 -10.37 37.49
CA GLY B 319 -11.11 -11.14 37.78
C GLY B 319 -10.75 -12.19 36.74
N GLU B 320 -11.55 -12.36 35.69
CA GLU B 320 -11.26 -13.32 34.64
C GLU B 320 -10.58 -12.61 33.48
N PHE B 321 -9.59 -13.27 32.89
CA PHE B 321 -8.92 -12.73 31.71
C PHE B 321 -8.58 -13.86 30.76
N ASP B 322 -8.57 -13.53 29.47
CA ASP B 322 -8.11 -14.43 28.42
C ASP B 322 -6.60 -14.56 28.51
N PRO B 323 -6.05 -15.70 28.94
CA PRO B 323 -4.59 -15.81 29.06
C PRO B 323 -3.86 -15.87 27.73
N ASN B 324 -4.57 -15.75 26.60
CA ASN B 324 -3.92 -15.70 25.30
C ASN B 324 -3.77 -14.29 24.76
N ILE B 325 -4.48 -13.32 25.34
CA ILE B 325 -4.27 -11.93 25.00
C ILE B 325 -3.33 -11.39 26.06
N ASP B 326 -3.74 -11.46 27.34
CA ASP B 326 -2.93 -11.02 28.47
C ASP B 326 -2.05 -12.19 28.95
N VAL B 327 -0.96 -12.42 28.22
CA VAL B 327 -0.17 -13.62 28.43
C VAL B 327 0.64 -13.59 29.72
N TYR B 328 0.73 -12.44 30.38
CA TYR B 328 1.53 -12.34 31.60
C TYR B 328 0.70 -12.39 32.87
N GLY B 329 -0.60 -12.61 32.76
CA GLY B 329 -1.43 -12.69 33.96
C GLY B 329 -1.21 -13.97 34.74
N ILE B 330 -1.22 -13.84 36.07
CA ILE B 330 -1.29 -14.98 36.98
C ILE B 330 -2.33 -14.66 38.05
N LYS B 331 -3.22 -15.62 38.32
CA LYS B 331 -4.26 -15.41 39.32
C LYS B 331 -3.65 -15.57 40.70
N CYS B 332 -4.26 -14.94 41.70
CA CYS B 332 -3.73 -15.08 43.04
C CYS B 332 -4.13 -16.44 43.63
N HIS B 333 -3.43 -16.81 44.71
CA HIS B 333 -3.78 -17.98 45.51
C HIS B 333 -5.19 -17.81 46.08
N GLU B 334 -5.96 -18.91 46.07
CA GLU B 334 -7.34 -18.87 46.56
C GLU B 334 -7.45 -18.38 48.01
N ASN B 335 -6.46 -18.68 48.87
CA ASN B 335 -6.46 -18.23 50.26
C ASN B 335 -5.88 -16.83 50.43
N SER B 336 -5.67 -16.11 49.35
CA SER B 336 -5.13 -14.76 49.48
C SER B 336 -6.09 -13.90 50.29
N PRO B 337 -5.56 -12.93 51.04
CA PRO B 337 -6.47 -12.07 51.81
C PRO B 337 -7.32 -11.18 50.92
N ARG B 338 -6.83 -10.83 49.72
CA ARG B 338 -7.56 -10.00 48.76
C ARG B 338 -7.46 -10.60 47.37
N LYS B 339 -8.58 -10.71 46.67
CA LYS B 339 -8.58 -11.27 45.34
C LYS B 339 -7.88 -10.32 44.35
N GLU B 340 -6.78 -10.80 43.75
CA GLU B 340 -5.90 -10.00 42.92
C GLU B 340 -5.43 -10.79 41.71
N VAL B 341 -5.13 -10.06 40.63
CA VAL B 341 -4.46 -10.62 39.46
C VAL B 341 -3.16 -9.86 39.22
N TYR B 342 -2.09 -10.61 38.91
CA TYR B 342 -0.75 -10.06 38.77
C TYR B 342 -0.30 -10.14 37.31
N PHE B 343 0.45 -9.11 36.87
CA PHE B 343 1.01 -9.07 35.51
C PHE B 343 2.47 -8.69 35.66
N MET B 344 3.36 -9.61 35.29
CA MET B 344 4.80 -9.48 35.57
C MET B 344 5.63 -9.92 34.37
N ALA B 345 6.61 -9.11 33.98
CA ALA B 345 7.50 -9.51 32.91
C ALA B 345 8.74 -8.64 32.99
N ILE B 346 9.79 -9.06 32.29
CA ILE B 346 11.03 -8.30 32.23
C ILE B 346 10.84 -7.18 31.23
N ILE B 347 11.34 -5.98 31.55
CA ILE B 347 11.28 -4.84 30.64
C ILE B 347 12.66 -4.20 30.58
N ASP B 348 12.89 -3.47 29.49
CA ASP B 348 14.02 -2.55 29.40
C ASP B 348 15.40 -3.21 29.42
N ILE B 349 15.73 -4.01 28.40
CA ILE B 349 16.94 -4.83 28.49
C ILE B 349 18.15 -4.24 27.78
N LEU B 350 18.02 -3.11 27.05
CA LEU B 350 19.03 -2.72 26.07
C LEU B 350 20.29 -2.01 26.63
N THR B 351 20.46 -1.81 27.94
CA THR B 351 21.77 -1.43 28.54
C THR B 351 22.38 -0.22 27.84
N HIS B 352 21.68 0.91 28.00
CA HIS B 352 21.84 2.10 27.16
C HIS B 352 23.23 2.77 27.22
N TYR B 353 23.59 3.41 28.32
CA TYR B 353 24.87 4.16 28.41
C TYR B 353 24.85 5.48 27.62
N THR B 376 31.87 -1.87 40.87
CA THR B 376 30.42 -1.94 40.81
C THR B 376 29.97 -3.38 40.55
N VAL B 377 28.89 -3.55 39.80
CA VAL B 377 28.26 -4.84 39.56
C VAL B 377 28.28 -5.15 38.07
N ASN B 378 28.64 -6.38 37.72
CA ASN B 378 28.71 -6.85 36.34
C ASN B 378 27.47 -7.70 36.00
N PRO B 379 27.26 -8.01 34.73
CA PRO B 379 26.00 -8.67 34.32
C PRO B 379 25.70 -9.93 35.11
N GLU B 380 26.74 -10.65 35.47
CA GLU B 380 26.59 -11.91 36.20
C GLU B 380 25.99 -11.69 37.59
N GLN B 381 26.57 -10.78 38.38
CA GLN B 381 25.99 -10.56 39.70
C GLN B 381 24.67 -9.81 39.57
N TYR B 382 24.54 -8.89 38.61
CA TYR B 382 23.22 -8.30 38.37
C TYR B 382 22.19 -9.40 38.18
N SER B 383 22.51 -10.39 37.33
CA SER B 383 21.61 -11.52 37.10
C SER B 383 21.21 -12.18 38.43
N LYS B 384 22.21 -12.52 39.26
CA LYS B 384 21.96 -13.25 40.51
C LYS B 384 21.21 -12.40 41.52
N ARG B 385 21.66 -11.16 41.75
CA ARG B 385 20.96 -10.29 42.69
C ARG B 385 19.48 -10.14 42.30
N PHE B 386 19.21 -10.01 40.99
CA PHE B 386 17.83 -9.83 40.49
C PHE B 386 16.98 -11.08 40.73
N LEU B 387 17.49 -12.25 40.36
CA LEU B 387 16.76 -13.48 40.65
C LEU B 387 16.49 -13.65 42.15
N ASP B 388 17.52 -13.47 42.98
CA ASP B 388 17.35 -13.71 44.41
C ASP B 388 16.28 -12.78 44.99
N PHE B 389 16.34 -11.49 44.64
CA PHE B 389 15.30 -10.56 45.08
C PHE B 389 13.91 -11.07 44.69
N ILE B 390 13.72 -11.43 43.41
CA ILE B 390 12.39 -11.85 42.97
C ILE B 390 11.96 -13.08 43.74
N GLY B 391 12.89 -14.04 43.94
CA GLY B 391 12.57 -15.25 44.67
C GLY B 391 12.03 -14.93 46.05
N HIS B 392 12.58 -13.90 46.70
CA HIS B 392 12.24 -13.64 48.10
C HIS B 392 10.94 -12.87 48.25
N ILE B 393 10.57 -12.02 47.29
CA ILE B 393 9.25 -11.40 47.32
C ILE B 393 8.17 -12.36 46.79
N LEU B 394 8.58 -13.43 46.10
CA LEU B 394 7.74 -14.54 45.57
C LEU B 394 7.21 -14.26 44.12
#